data_6ETV
#
_entry.id   6ETV
#
_cell.length_a   71.490
_cell.length_b   71.490
_cell.length_c   150.444
_cell.angle_alpha   90.000
_cell.angle_beta   90.000
_cell.angle_gamma   90.000
#
_symmetry.space_group_name_H-M   'P 43 21 2'
#
loop_
_entity.id
_entity.type
_entity.pdbx_description
1 polymer 'Lysine-specific demethylase 4D'
2 non-polymer 'ZINC ION'
3 non-polymer 'CHLORIDE ION'
4 non-polymer 'SODIUM ION'
5 non-polymer 1,2-ETHANEDIOL
6 non-polymer 'SULFATE ION'
7 non-polymer 'NICKEL (II) ION'
8 non-polymer [3-(2~{H}-1,2,3,4-tetrazol-5-yl)propanoylamino]azanium
9 non-polymer GLYCEROL
10 non-polymer '4-(2-HYDROXYETHYL)-1-PIPERAZINE ETHANESULFONIC ACID'
11 water water
#
_entity_poly.entity_id   1
_entity_poly.type   'polypeptide(L)'
_entity_poly.pdbx_seq_one_letter_code
;METMKSKANCAQNPNCNIMIFHPTKEEFNDFDKYIAYMESQGAHRAGLAKIIPPKEWKARETYDNISEILIATPLQQVAS
GRAGVFTQYHKKKKAMTVGEYRHLANSKKYQTPPHQNFEDLERKYWKNRIYNSPIYGADISGSLFDENTKQWNLGHLGTI
QDLLEKECGVVIEGVNTPYLYFGMWKTTFAWHTEDMDLYSINYLHLGEPKTWYVVPPEHGQRLERLARELFPGSSRGCGA
FLRHKVALISPTVLKENGIPFNRITQEAGEFMVTFPYGYHAGFNHGFNCAEAINFATPRWIDYGKMASQCSCGEARVTFS
MDAFVRILQPERYDLWKRGQDR
;
_entity_poly.pdbx_strand_id   A
#
# COMPACT_ATOMS: atom_id res chain seq x y z
N ALA A 11 -3.40 -28.21 -1.41
CA ALA A 11 -3.42 -26.72 -1.16
C ALA A 11 -3.51 -25.85 -2.37
N GLN A 12 -4.31 -24.84 -2.27
CA GLN A 12 -4.61 -24.04 -3.43
CA GLN A 12 -4.62 -24.00 -3.39
C GLN A 12 -3.49 -23.04 -3.65
N ASN A 13 -3.21 -22.77 -4.91
CA ASN A 13 -2.21 -21.78 -5.34
C ASN A 13 -0.85 -22.03 -4.71
N PRO A 14 -0.30 -23.24 -4.81
CA PRO A 14 0.95 -23.54 -4.12
C PRO A 14 2.14 -22.77 -4.60
N ASN A 15 2.17 -22.31 -5.85
CA ASN A 15 3.25 -21.47 -6.36
C ASN A 15 3.10 -20.02 -5.99
N CYS A 16 2.04 -19.65 -5.28
CA CYS A 16 1.92 -18.27 -4.78
C CYS A 16 1.81 -17.27 -5.89
N ASN A 17 1.11 -17.61 -6.99
CA ASN A 17 0.87 -16.67 -8.09
C ASN A 17 -0.14 -15.60 -7.69
N ILE A 18 0.02 -14.41 -8.23
CA ILE A 18 -1.02 -13.36 -8.09
C ILE A 18 -2.23 -13.77 -8.87
N MET A 19 -3.38 -13.88 -8.23
CA MET A 19 -4.64 -14.23 -8.85
C MET A 19 -5.45 -12.97 -9.14
N ILE A 20 -6.25 -13.07 -10.21
CA ILE A 20 -7.11 -11.98 -10.71
C ILE A 20 -8.53 -12.51 -10.65
N PHE A 21 -9.44 -11.74 -10.04
CA PHE A 21 -10.82 -12.13 -9.84
C PHE A 21 -11.74 -11.18 -10.60
N HIS A 22 -12.84 -11.74 -11.11
CA HIS A 22 -13.88 -11.07 -11.83
C HIS A 22 -15.24 -11.30 -11.20
N PRO A 23 -15.52 -10.76 -10.00
CA PRO A 23 -16.82 -10.99 -9.34
C PRO A 23 -17.98 -10.51 -10.17
N THR A 24 -19.06 -11.22 -10.13
CA THR A 24 -20.29 -10.72 -10.69
C THR A 24 -20.87 -9.61 -9.78
N LYS A 25 -21.88 -8.90 -10.27
CA LYS A 25 -22.56 -7.89 -9.44
C LYS A 25 -23.11 -8.50 -8.16
N GLU A 26 -23.66 -9.71 -8.24
CA GLU A 26 -24.18 -10.35 -7.03
C GLU A 26 -23.08 -10.70 -6.03
N GLU A 27 -21.95 -11.16 -6.56
CA GLU A 27 -20.81 -11.51 -5.74
C GLU A 27 -20.16 -10.30 -5.13
N PHE A 28 -20.41 -9.14 -5.67
CA PHE A 28 -19.81 -7.86 -5.22
C PHE A 28 -20.58 -7.24 -4.05
N ASN A 29 -21.67 -7.84 -3.63
CA ASN A 29 -22.46 -7.29 -2.53
C ASN A 29 -21.81 -7.41 -1.20
N ASP A 30 -21.30 -8.59 -0.86
CA ASP A 30 -20.82 -8.93 0.45
C ASP A 30 -19.29 -8.98 0.46
N PHE A 31 -18.70 -7.90 0.92
CA PHE A 31 -17.27 -7.72 0.88
C PHE A 31 -16.52 -8.83 1.60
N ASP A 32 -16.85 -9.03 2.88
N ASP A 32 -16.86 -9.05 2.85
CA ASP A 32 -16.22 -10.06 3.71
CA ASP A 32 -16.15 -10.00 3.62
C ASP A 32 -16.26 -11.42 3.02
C ASP A 32 -16.28 -11.44 3.07
N LYS A 33 -17.43 -11.78 2.50
CA LYS A 33 -17.63 -13.06 1.90
CA LYS A 33 -17.60 -13.08 1.92
C LYS A 33 -16.68 -13.26 0.71
N TYR A 34 -16.52 -12.23 -0.11
CA TYR A 34 -15.65 -12.32 -1.27
C TYR A 34 -14.17 -12.44 -0.88
N ILE A 35 -13.75 -11.70 0.15
CA ILE A 35 -12.38 -11.90 0.61
C ILE A 35 -12.15 -13.34 1.00
N ALA A 36 -13.08 -13.88 1.78
CA ALA A 36 -12.99 -15.26 2.21
C ALA A 36 -12.98 -16.24 1.00
N TYR A 37 -13.77 -15.95 0.00
CA TYR A 37 -13.79 -16.75 -1.22
C TYR A 37 -12.42 -16.71 -1.89
N MET A 38 -11.85 -15.53 -2.03
N MET A 38 -11.85 -15.52 -2.04
CA MET A 38 -10.55 -15.41 -2.66
CA MET A 38 -10.54 -15.44 -2.69
C MET A 38 -9.50 -16.25 -1.92
C MET A 38 -9.53 -16.30 -1.91
N GLU A 39 -9.55 -16.24 -0.58
CA GLU A 39 -8.62 -17.03 0.22
CA GLU A 39 -8.63 -17.03 0.23
C GLU A 39 -8.89 -18.53 0.07
N SER A 40 -10.16 -18.92 -0.10
CA SER A 40 -10.46 -20.35 -0.35
C SER A 40 -9.80 -20.85 -1.63
N GLN A 41 -9.51 -19.95 -2.56
CA GLN A 41 -8.87 -20.27 -3.81
C GLN A 41 -7.36 -20.07 -3.73
N GLY A 42 -6.83 -19.73 -2.56
CA GLY A 42 -5.39 -19.57 -2.35
C GLY A 42 -4.85 -18.21 -2.68
N ALA A 43 -5.67 -17.21 -2.88
CA ALA A 43 -5.17 -15.88 -3.32
C ALA A 43 -4.15 -15.26 -2.36
N HIS A 44 -4.36 -15.44 -1.09
CA HIS A 44 -3.52 -14.85 -0.07
C HIS A 44 -2.08 -15.33 -0.13
N ARG A 45 -1.87 -16.50 -0.70
CA ARG A 45 -0.52 -17.04 -0.77
C ARG A 45 0.43 -16.15 -1.53
N ALA A 46 -0.08 -15.45 -2.51
CA ALA A 46 0.70 -14.50 -3.30
C ALA A 46 1.08 -13.24 -2.52
N GLY A 47 0.25 -12.86 -1.56
CA GLY A 47 0.36 -11.60 -0.83
C GLY A 47 -0.41 -10.42 -1.45
N LEU A 48 -0.92 -10.60 -2.68
CA LEU A 48 -1.60 -9.56 -3.44
C LEU A 48 -2.54 -10.23 -4.39
N ALA A 49 -3.73 -9.66 -4.58
CA ALA A 49 -4.69 -10.10 -5.60
C ALA A 49 -5.27 -8.89 -6.29
N LYS A 50 -5.64 -9.07 -7.55
CA LYS A 50 -6.37 -8.06 -8.30
C LYS A 50 -7.83 -8.43 -8.38
N ILE A 51 -8.70 -7.43 -8.21
CA ILE A 51 -10.16 -7.61 -8.35
C ILE A 51 -10.66 -6.62 -9.35
N ILE A 52 -11.22 -7.13 -10.44
CA ILE A 52 -11.80 -6.31 -11.48
CA ILE A 52 -11.85 -6.36 -11.52
C ILE A 52 -13.29 -6.22 -11.19
N PRO A 53 -13.82 -5.02 -10.93
CA PRO A 53 -15.26 -4.91 -10.61
CA PRO A 53 -15.24 -4.98 -10.57
C PRO A 53 -16.14 -5.32 -11.74
N PRO A 54 -17.37 -5.73 -11.45
CA PRO A 54 -18.34 -6.02 -12.52
C PRO A 54 -18.55 -4.78 -13.37
N LYS A 55 -18.95 -5.03 -14.62
CA LYS A 55 -19.09 -3.96 -15.61
C LYS A 55 -20.19 -2.96 -15.17
N GLU A 56 -21.13 -3.40 -14.35
CA GLU A 56 -22.25 -2.54 -13.94
C GLU A 56 -21.83 -1.60 -12.83
N TRP A 57 -20.66 -1.78 -12.21
CA TRP A 57 -20.29 -0.99 -11.03
C TRP A 57 -19.50 0.27 -11.38
N LYS A 58 -19.63 1.31 -10.58
CA LYS A 58 -18.87 2.54 -10.73
CA LYS A 58 -18.74 2.46 -10.69
C LYS A 58 -18.51 3.08 -9.33
N ALA A 59 -17.33 3.66 -9.16
CA ALA A 59 -16.99 4.25 -7.87
C ALA A 59 -17.73 5.56 -7.66
N ARG A 60 -17.85 6.35 -8.70
CA ARG A 60 -18.53 7.64 -8.64
C ARG A 60 -18.87 7.97 -10.08
N GLU A 61 -19.63 9.04 -10.27
CA GLU A 61 -20.05 9.35 -11.64
CA GLU A 61 -20.09 9.40 -11.59
C GLU A 61 -18.98 9.95 -12.53
N THR A 62 -18.24 10.93 -12.05
N THR A 62 -18.22 10.88 -11.99
CA THR A 62 -17.11 11.45 -12.84
CA THR A 62 -17.26 11.64 -12.77
C THR A 62 -16.02 11.91 -11.92
C THR A 62 -16.08 12.08 -11.92
N TYR A 63 -14.88 12.17 -12.50
CA TYR A 63 -13.74 12.76 -11.79
C TYR A 63 -13.52 14.20 -12.25
N ASP A 64 -14.56 14.83 -12.77
CA ASP A 64 -14.43 16.16 -13.36
CA ASP A 64 -14.34 16.13 -13.40
C ASP A 64 -14.22 17.23 -12.35
N ASN A 65 -14.55 17.00 -11.06
CA ASN A 65 -14.65 18.03 -10.07
CA ASN A 65 -14.56 18.11 -10.11
C ASN A 65 -13.66 17.86 -8.90
N ILE A 66 -12.49 17.21 -9.14
CA ILE A 66 -11.53 16.87 -8.04
C ILE A 66 -10.39 17.85 -7.90
N SER A 67 -10.31 18.87 -8.74
CA SER A 67 -9.05 19.64 -8.87
CA SER A 67 -9.05 19.62 -8.84
C SER A 67 -8.81 20.53 -7.64
N GLU A 68 -9.85 20.77 -6.85
CA GLU A 68 -9.74 21.65 -5.71
C GLU A 68 -9.37 20.94 -4.41
N ILE A 69 -9.21 19.61 -4.39
CA ILE A 69 -8.64 18.90 -3.29
C ILE A 69 -7.25 19.47 -3.01
N LEU A 70 -6.93 19.63 -1.74
CA LEU A 70 -5.60 20.13 -1.35
C LEU A 70 -4.67 19.01 -0.97
N ILE A 71 -3.45 19.07 -1.49
CA ILE A 71 -2.33 18.27 -1.05
C ILE A 71 -1.53 19.21 -0.13
N ALA A 72 -1.78 19.10 1.17
CA ALA A 72 -1.24 20.05 2.12
C ALA A 72 0.27 19.96 2.22
N THR A 73 0.83 18.77 2.06
CA THR A 73 2.27 18.58 2.20
C THR A 73 2.76 17.60 1.12
N PRO A 74 2.87 18.09 -0.12
CA PRO A 74 3.50 17.23 -1.14
C PRO A 74 4.89 16.84 -0.72
N LEU A 75 5.29 15.65 -1.12
CA LEU A 75 6.57 15.06 -0.72
C LEU A 75 7.47 14.80 -1.95
N GLN A 76 8.66 15.35 -1.94
CA GLN A 76 9.64 15.12 -3.00
CA GLN A 76 9.64 15.10 -3.00
C GLN A 76 10.49 13.90 -2.58
N GLN A 77 10.51 12.87 -3.42
CA GLN A 77 11.10 11.58 -3.04
C GLN A 77 12.54 11.49 -3.60
N VAL A 78 13.49 11.83 -2.75
CA VAL A 78 14.89 11.98 -3.10
C VAL A 78 15.60 10.66 -2.80
N ALA A 79 16.19 10.08 -3.80
CA ALA A 79 16.81 8.80 -3.71
C ALA A 79 18.37 8.83 -3.34
N SER A 80 18.87 7.82 -2.70
N SER A 80 18.91 7.81 -2.68
CA SER A 80 20.29 7.61 -2.44
CA SER A 80 20.29 7.64 -2.41
C SER A 80 20.66 6.12 -2.58
C SER A 80 20.63 6.15 -2.56
N GLY A 81 21.80 5.78 -3.22
N GLY A 81 21.74 5.86 -3.21
CA GLY A 81 22.25 4.40 -3.34
CA GLY A 81 22.22 4.51 -3.38
C GLY A 81 22.61 4.12 -4.76
C GLY A 81 22.58 4.27 -4.81
N ARG A 82 22.17 3.02 -5.25
N ARG A 82 22.24 3.15 -5.25
CA ARG A 82 22.41 2.56 -6.59
CA ARG A 82 22.39 2.59 -6.60
C ARG A 82 21.06 2.21 -7.24
C ARG A 82 21.06 2.22 -7.25
N ALA A 83 21.07 2.05 -8.56
CA ALA A 83 19.84 1.99 -9.29
C ALA A 83 18.93 0.94 -8.78
N GLY A 84 19.47 -0.22 -8.39
CA GLY A 84 18.64 -1.35 -7.95
C GLY A 84 18.52 -1.52 -6.44
N VAL A 85 19.25 -0.71 -5.65
CA VAL A 85 19.28 -0.80 -4.19
C VAL A 85 19.43 0.60 -3.66
N PHE A 86 18.31 1.22 -3.24
CA PHE A 86 18.33 2.61 -2.84
C PHE A 86 17.36 2.87 -1.73
N THR A 87 17.55 3.97 -1.05
CA THR A 87 16.53 4.47 -0.13
C THR A 87 16.01 5.78 -0.67
N GLN A 88 14.86 6.18 -0.16
CA GLN A 88 14.30 7.46 -0.48
C GLN A 88 13.87 8.19 0.78
N TYR A 89 14.10 9.48 0.77
CA TYR A 89 13.66 10.34 1.83
C TYR A 89 12.73 11.28 1.22
N HIS A 90 11.75 11.69 2.15
CA HIS A 90 10.63 12.61 1.72
CA HIS A 90 10.55 12.61 1.70
C HIS A 90 10.81 14.11 2.19
N LYS A 91 11.19 14.90 1.21
CA LYS A 91 11.36 16.31 1.44
C LYS A 91 10.02 17.04 1.31
N LYS A 92 9.60 17.78 2.34
CA LYS A 92 8.33 18.47 2.30
C LYS A 92 8.37 19.66 1.38
N LYS A 93 7.31 19.85 0.62
CA LYS A 93 7.14 20.95 -0.26
C LYS A 93 5.91 21.76 0.12
N LYS A 94 5.80 22.96 -0.46
CA LYS A 94 4.61 23.79 -0.25
C LYS A 94 3.32 23.16 -0.76
N ALA A 95 2.21 23.46 -0.10
CA ALA A 95 0.92 22.93 -0.48
C ALA A 95 0.57 23.24 -1.92
N MET A 96 -0.20 22.37 -2.50
N MET A 96 -0.14 22.30 -2.55
CA MET A 96 -0.78 22.64 -3.80
CA MET A 96 -0.67 22.43 -3.94
C MET A 96 -2.06 21.87 -4.00
C MET A 96 -2.08 21.86 -3.98
N THR A 97 -2.92 22.36 -4.89
CA THR A 97 -4.14 21.64 -5.21
C THR A 97 -3.83 20.47 -6.13
N VAL A 98 -4.81 19.58 -6.25
CA VAL A 98 -4.74 18.47 -7.19
C VAL A 98 -4.61 18.98 -8.61
N GLY A 99 -5.28 20.07 -8.95
CA GLY A 99 -5.18 20.63 -10.29
C GLY A 99 -3.75 21.09 -10.57
N GLU A 100 -3.16 21.75 -9.60
CA GLU A 100 -1.78 22.20 -9.71
C GLU A 100 -0.83 20.99 -9.80
N TYR A 101 -1.08 19.97 -9.01
CA TYR A 101 -0.24 18.77 -9.01
C TYR A 101 -0.33 18.10 -10.34
N ARG A 102 -1.49 17.97 -10.92
CA ARG A 102 -1.66 17.32 -12.22
C ARG A 102 -0.86 18.08 -13.30
N HIS A 103 -0.95 19.40 -13.27
CA HIS A 103 -0.18 20.22 -14.18
C HIS A 103 1.32 19.96 -14.02
N LEU A 104 1.82 19.88 -12.79
CA LEU A 104 3.21 19.58 -12.52
C LEU A 104 3.58 18.21 -13.05
N ALA A 105 2.75 17.21 -12.81
CA ALA A 105 3.02 15.84 -13.28
C ALA A 105 3.15 15.79 -14.77
N ASN A 106 2.41 16.61 -15.47
CA ASN A 106 2.40 16.59 -16.91
CA ASN A 106 2.40 16.61 -16.93
C ASN A 106 3.44 17.51 -17.53
N SER A 107 4.21 18.22 -16.74
CA SER A 107 5.23 19.14 -17.22
C SER A 107 6.38 18.38 -17.82
N LYS A 108 7.19 19.02 -18.63
CA LYS A 108 8.29 18.31 -19.26
CA LYS A 108 8.34 18.39 -19.24
C LYS A 108 9.25 17.70 -18.21
N LYS A 109 9.47 18.34 -17.07
CA LYS A 109 10.39 17.85 -16.06
C LYS A 109 9.93 16.49 -15.49
N TYR A 110 8.63 16.30 -15.35
CA TYR A 110 8.08 15.18 -14.59
C TYR A 110 7.26 14.20 -15.42
N GLN A 111 6.92 14.50 -16.66
CA GLN A 111 6.02 13.63 -17.40
CA GLN A 111 6.00 13.63 -17.41
C GLN A 111 6.66 12.31 -17.77
N THR A 112 5.83 11.31 -17.97
CA THR A 112 6.24 9.96 -18.41
C THR A 112 6.94 10.11 -19.77
N PRO A 113 8.06 9.44 -19.95
CA PRO A 113 8.78 9.50 -21.22
C PRO A 113 8.06 8.66 -22.24
N PRO A 114 8.38 8.89 -23.51
CA PRO A 114 7.93 7.99 -24.56
C PRO A 114 8.36 6.55 -24.28
N HIS A 115 7.49 5.57 -24.54
CA HIS A 115 7.80 4.19 -24.21
C HIS A 115 6.96 3.31 -25.06
N GLN A 116 7.40 2.07 -25.23
CA GLN A 116 6.67 1.16 -26.08
C GLN A 116 5.50 0.41 -25.47
N ASN A 117 5.65 0.07 -24.21
CA ASN A 117 4.70 -0.80 -23.48
C ASN A 117 5.04 -0.74 -21.96
N PHE A 118 4.32 -1.48 -21.12
CA PHE A 118 4.54 -1.45 -19.67
C PHE A 118 5.94 -2.01 -19.34
N GLU A 119 6.39 -3.06 -20.04
CA GLU A 119 7.72 -3.67 -19.80
CA GLU A 119 7.70 -3.62 -19.75
C GLU A 119 8.84 -2.64 -20.06
N ASP A 120 8.69 -1.87 -21.12
CA ASP A 120 9.74 -0.90 -21.47
C ASP A 120 9.74 0.20 -20.39
N LEU A 121 8.57 0.61 -19.97
CA LEU A 121 8.51 1.62 -18.91
C LEU A 121 9.09 1.12 -17.57
N GLU A 122 8.84 -0.14 -17.24
CA GLU A 122 9.42 -0.76 -16.07
C GLU A 122 10.96 -0.78 -16.13
N ARG A 123 11.43 -1.11 -17.34
CA ARG A 123 12.86 -1.04 -17.54
CA ARG A 123 12.85 -1.04 -17.53
C ARG A 123 13.56 0.43 -17.29
N LYS A 124 12.80 1.38 -17.86
CA LYS A 124 13.21 2.78 -17.67
CA LYS A 124 13.21 2.78 -17.67
C LYS A 124 13.14 3.18 -16.21
N TYR A 125 12.09 2.78 -15.50
CA TYR A 125 11.98 3.07 -14.08
C TYR A 125 13.21 2.59 -13.31
N TRP A 126 13.53 1.31 -13.44
CA TRP A 126 14.60 0.75 -12.63
C TRP A 126 15.95 1.27 -13.09
N LYS A 127 16.09 1.63 -14.33
CA LYS A 127 17.33 2.21 -14.81
C LYS A 127 17.60 3.63 -14.30
N ASN A 128 16.56 4.44 -14.33
CA ASN A 128 16.64 5.87 -14.10
C ASN A 128 15.98 6.52 -12.89
N ARG A 129 15.28 5.75 -12.08
CA ARG A 129 14.54 6.33 -10.95
C ARG A 129 15.40 7.18 -10.03
N ILE A 130 16.58 6.70 -9.71
CA ILE A 130 17.39 7.42 -8.74
C ILE A 130 17.83 8.80 -9.16
N TYR A 131 17.82 9.05 -10.44
CA TYR A 131 18.33 10.27 -11.00
C TYR A 131 17.28 11.40 -11.02
N ASN A 132 16.10 11.13 -10.52
CA ASN A 132 15.02 12.07 -10.49
C ASN A 132 14.38 12.07 -9.09
C ASN A 132 14.38 12.07 -9.09
N SER A 133 13.62 13.12 -8.77
CA SER A 133 12.98 13.27 -7.47
CA SER A 133 12.95 13.17 -7.47
C SER A 133 11.51 13.61 -7.67
N PRO A 134 10.65 12.65 -7.97
CA PRO A 134 9.24 12.92 -8.23
C PRO A 134 8.54 13.37 -6.94
N ILE A 135 7.50 14.10 -7.16
CA ILE A 135 6.63 14.57 -6.02
CA ILE A 135 6.71 14.63 -6.06
C ILE A 135 5.31 13.78 -5.85
N TYR A 136 4.97 13.46 -4.61
N TYR A 136 4.95 13.51 -4.64
CA TYR A 136 4.02 12.38 -4.12
CA TYR A 136 3.61 13.00 -4.50
C TYR A 136 3.01 13.12 -3.18
C TYR A 136 2.88 13.33 -3.26
N GLY A 137 1.71 12.94 -3.35
N GLY A 137 1.60 13.07 -3.37
CA GLY A 137 0.70 13.32 -2.39
CA GLY A 137 0.66 13.31 -2.31
C GLY A 137 0.25 12.06 -1.65
C GLY A 137 0.25 12.04 -1.64
N ALA A 138 0.55 11.94 -0.35
CA ALA A 138 0.38 10.64 0.34
C ALA A 138 -0.43 10.77 1.61
N ASP A 139 -1.15 9.73 1.95
CA ASP A 139 -1.77 9.63 3.25
C ASP A 139 -2.69 10.85 3.50
N ILE A 140 -3.47 11.21 2.50
CA ILE A 140 -4.41 12.35 2.60
C ILE A 140 -5.76 11.79 3.03
N SER A 141 -6.19 12.07 4.25
N SER A 141 -6.17 12.09 4.24
CA SER A 141 -7.47 11.50 4.68
CA SER A 141 -7.41 11.55 4.72
C SER A 141 -8.58 11.97 3.79
C SER A 141 -8.61 12.00 3.86
N GLY A 142 -9.41 11.06 3.31
CA GLY A 142 -10.52 11.42 2.47
C GLY A 142 -10.94 10.25 1.62
N SER A 143 -11.99 10.48 0.85
CA SER A 143 -12.51 9.44 -0.04
C SER A 143 -13.10 10.09 -1.29
N LEU A 144 -12.99 9.37 -2.39
CA LEU A 144 -13.60 9.75 -3.67
C LEU A 144 -14.75 8.81 -4.08
N PHE A 145 -15.15 7.89 -3.21
CA PHE A 145 -16.30 7.07 -3.51
C PHE A 145 -17.58 7.87 -3.24
N ASP A 146 -18.52 7.76 -4.13
CA ASP A 146 -19.84 8.39 -3.94
C ASP A 146 -20.49 7.69 -2.78
N GLU A 147 -21.17 8.45 -1.94
CA GLU A 147 -21.86 7.89 -0.81
C GLU A 147 -22.90 6.90 -1.22
N ASN A 148 -23.42 7.02 -2.44
CA ASN A 148 -24.41 6.06 -2.90
C ASN A 148 -23.84 4.78 -3.49
N THR A 149 -22.51 4.69 -3.59
CA THR A 149 -21.89 3.45 -4.06
C THR A 149 -21.93 2.50 -2.90
N LYS A 150 -22.73 1.44 -3.01
CA LYS A 150 -22.89 0.53 -1.89
C LYS A 150 -21.95 -0.62 -1.84
N GLN A 151 -21.34 -0.98 -2.96
CA GLN A 151 -20.45 -2.13 -3.09
C GLN A 151 -19.00 -1.68 -3.12
N TRP A 152 -18.16 -2.27 -2.28
CA TRP A 152 -16.74 -2.03 -2.34
C TRP A 152 -16.39 -0.57 -2.20
N ASN A 153 -17.15 0.14 -1.34
CA ASN A 153 -16.93 1.51 -1.02
C ASN A 153 -15.93 1.56 0.12
N LEU A 154 -14.71 2.02 -0.10
CA LEU A 154 -13.66 1.92 0.89
CA LEU A 154 -13.64 1.93 0.87
C LEU A 154 -13.86 2.79 2.10
N GLY A 155 -14.80 3.73 2.05
CA GLY A 155 -15.19 4.49 3.26
C GLY A 155 -16.28 3.83 4.04
N HIS A 156 -16.83 2.68 3.64
CA HIS A 156 -17.96 2.05 4.31
C HIS A 156 -17.64 0.61 4.70
N LEU A 157 -16.40 0.23 4.89
CA LEU A 157 -16.05 -1.11 5.30
C LEU A 157 -16.22 -1.31 6.81
N GLY A 158 -16.39 -2.54 7.26
CA GLY A 158 -16.32 -2.80 8.69
C GLY A 158 -14.98 -2.41 9.24
N THR A 159 -14.94 -1.83 10.44
CA THR A 159 -13.72 -1.28 11.02
C THR A 159 -12.86 -2.39 11.66
N ILE A 160 -11.58 -2.11 11.74
CA ILE A 160 -10.67 -3.04 12.43
CA ILE A 160 -10.65 -3.01 12.39
C ILE A 160 -11.02 -3.13 13.91
N GLN A 161 -11.44 -2.02 14.51
CA GLN A 161 -11.83 -2.06 15.91
C GLN A 161 -13.04 -2.96 16.12
N ASP A 162 -14.01 -2.90 15.23
CA ASP A 162 -15.13 -3.78 15.38
C ASP A 162 -14.76 -5.23 15.14
N LEU A 163 -13.82 -5.48 14.22
CA LEU A 163 -13.35 -6.86 13.99
C LEU A 163 -12.71 -7.38 15.25
N LEU A 164 -11.80 -6.58 15.79
CA LEU A 164 -11.18 -7.04 17.03
CA LEU A 164 -11.12 -7.03 17.04
C LEU A 164 -12.15 -7.34 18.26
N GLU A 165 -13.16 -6.46 18.27
CA GLU A 165 -14.21 -6.67 19.25
C GLU A 165 -14.99 -7.95 18.98
N LYS A 166 -15.40 -8.18 17.75
CA LYS A 166 -16.14 -9.36 17.42
CA LYS A 166 -16.12 -9.38 17.33
C LYS A 166 -15.34 -10.65 17.65
N GLU A 167 -14.04 -10.61 17.38
CA GLU A 167 -13.25 -11.85 17.52
C GLU A 167 -12.80 -12.10 18.94
N CYS A 168 -12.48 -11.09 19.73
N CYS A 168 -12.47 -11.03 19.65
CA CYS A 168 -11.97 -11.42 21.05
CA CYS A 168 -11.78 -11.14 20.92
C CYS A 168 -12.69 -10.75 22.19
C CYS A 168 -12.55 -10.59 22.10
N GLY A 169 -13.67 -9.93 21.85
CA GLY A 169 -14.55 -9.45 22.88
C GLY A 169 -14.11 -8.16 23.51
N VAL A 170 -13.01 -7.57 23.08
CA VAL A 170 -12.55 -6.35 23.71
C VAL A 170 -12.98 -5.15 22.89
N VAL A 171 -13.43 -4.19 23.59
CA VAL A 171 -13.87 -2.96 23.06
C VAL A 171 -12.73 -1.93 23.17
N ILE A 172 -12.40 -1.29 22.04
CA ILE A 172 -11.31 -0.36 22.00
C ILE A 172 -11.60 0.93 21.28
N GLU A 173 -10.91 1.97 21.68
CA GLU A 173 -10.93 3.25 20.95
C GLU A 173 -10.29 3.11 19.59
N GLY A 174 -10.49 4.10 18.76
CA GLY A 174 -9.82 4.24 17.48
C GLY A 174 -10.81 4.22 16.33
N VAL A 175 -10.37 4.81 15.23
N VAL A 175 -10.34 4.66 15.18
CA VAL A 175 -11.10 4.81 13.97
CA VAL A 175 -11.18 4.90 14.02
C VAL A 175 -10.25 4.27 12.83
C VAL A 175 -10.24 4.86 12.86
N ASN A 176 -10.84 4.20 11.66
N ASN A 176 -10.58 4.07 11.83
CA ASN A 176 -10.26 3.48 10.51
CA ASN A 176 -9.79 4.14 10.62
C ASN A 176 -10.82 4.17 9.26
C ASN A 176 -10.72 4.48 9.47
N THR A 177 -10.14 5.24 8.65
CA THR A 177 -10.76 5.91 7.48
C THR A 177 -9.78 5.83 6.28
N PRO A 178 -10.29 6.02 5.07
CA PRO A 178 -9.41 5.88 3.90
C PRO A 178 -8.48 7.04 3.71
N TYR A 179 -7.46 6.79 2.86
CA TYR A 179 -6.47 7.75 2.43
C TYR A 179 -6.43 7.84 0.91
N LEU A 180 -6.17 9.04 0.43
CA LEU A 180 -5.92 9.33 -0.96
C LEU A 180 -4.43 9.51 -1.22
N TYR A 181 -4.05 9.11 -2.45
CA TYR A 181 -2.69 9.19 -2.95
C TYR A 181 -2.71 9.78 -4.31
N PHE A 182 -1.92 10.80 -4.56
CA PHE A 182 -1.77 11.40 -5.88
C PHE A 182 -0.33 11.17 -6.30
N GLY A 183 -0.15 10.56 -7.46
CA GLY A 183 1.19 10.14 -7.94
C GLY A 183 1.49 10.70 -9.29
N MET A 184 2.75 10.56 -9.67
CA MET A 184 3.24 10.94 -11.00
C MET A 184 4.28 9.90 -11.40
N TRP A 185 4.81 10.04 -12.63
CA TRP A 185 5.85 9.15 -13.09
C TRP A 185 6.94 9.05 -12.07
N LYS A 186 7.35 7.81 -11.78
CA LYS A 186 8.44 7.48 -10.86
C LYS A 186 8.08 7.61 -9.38
N THR A 187 6.93 8.15 -9.00
CA THR A 187 6.49 8.11 -7.60
CA THR A 187 6.63 8.11 -7.58
C THR A 187 6.53 6.66 -7.14
N THR A 188 7.09 6.44 -5.96
CA THR A 188 7.49 5.11 -5.49
C THR A 188 6.94 4.82 -4.10
N PHE A 189 6.39 3.62 -3.89
CA PHE A 189 6.15 3.14 -2.57
C PHE A 189 7.16 2.03 -2.24
N ALA A 190 7.87 2.20 -1.12
CA ALA A 190 8.94 1.34 -0.69
C ALA A 190 8.42 0.00 -0.19
N TRP A 191 9.35 -0.96 -0.07
CA TRP A 191 9.01 -2.27 0.46
C TRP A 191 8.49 -2.22 1.87
N HIS A 192 7.33 -2.79 2.11
CA HIS A 192 6.76 -2.83 3.45
C HIS A 192 5.61 -3.81 3.52
N THR A 193 5.25 -4.14 4.76
CA THR A 193 4.00 -4.76 5.10
C THR A 193 3.21 -3.65 5.82
N GLU A 194 1.91 -3.85 5.99
CA GLU A 194 1.09 -2.86 6.68
C GLU A 194 1.35 -2.87 8.18
N ASP A 195 0.90 -1.78 8.81
CA ASP A 195 0.93 -1.67 10.27
C ASP A 195 0.20 -2.91 10.83
N MET A 196 0.82 -3.56 11.80
CA MET A 196 0.29 -4.71 12.50
C MET A 196 -0.01 -5.86 11.50
N ASP A 197 0.67 -5.82 10.34
CA ASP A 197 0.49 -6.82 9.29
C ASP A 197 -0.96 -6.96 8.87
N LEU A 198 -1.69 -5.85 8.85
CA LEU A 198 -3.06 -5.81 8.36
C LEU A 198 -3.16 -6.08 6.85
N TYR A 199 -4.37 -6.34 6.40
CA TYR A 199 -4.65 -6.29 4.97
C TYR A 199 -4.67 -4.82 4.53
N SER A 200 -4.53 -4.60 3.21
CA SER A 200 -4.91 -3.31 2.62
C SER A 200 -5.75 -3.58 1.37
N ILE A 201 -6.57 -2.58 1.05
CA ILE A 201 -7.27 -2.57 -0.21
C ILE A 201 -7.02 -1.22 -0.85
N ASN A 202 -6.92 -1.24 -2.18
N ASN A 202 -6.70 -1.24 -2.15
CA ASN A 202 -6.37 -0.15 -2.96
CA ASN A 202 -6.32 -0.07 -2.94
C ASN A 202 -7.13 -0.01 -4.26
C ASN A 202 -7.18 -0.02 -4.20
N TYR A 203 -7.75 1.12 -4.47
CA TYR A 203 -8.54 1.34 -5.70
C TYR A 203 -7.86 2.46 -6.50
N LEU A 204 -7.59 2.20 -7.79
CA LEU A 204 -7.01 3.19 -8.68
CA LEU A 204 -7.01 3.19 -8.68
C LEU A 204 -8.16 3.94 -9.34
N HIS A 205 -8.46 5.11 -8.81
CA HIS A 205 -9.61 5.90 -9.28
C HIS A 205 -9.44 6.40 -10.70
N LEU A 206 -8.26 6.91 -11.05
N LEU A 206 -8.27 6.91 -11.04
CA LEU A 206 -8.11 7.79 -12.21
CA LEU A 206 -8.11 7.55 -12.32
C LEU A 206 -6.65 7.78 -12.61
C LEU A 206 -6.64 7.63 -12.64
N GLY A 207 -6.40 7.74 -13.93
CA GLY A 207 -5.10 8.04 -14.48
C GLY A 207 -4.29 6.84 -14.91
N GLU A 208 -2.98 7.04 -14.90
CA GLU A 208 -2.03 6.06 -15.36
C GLU A 208 -1.87 4.94 -14.36
N PRO A 209 -1.28 3.81 -14.94
CA PRO A 209 -1.13 2.63 -14.10
C PRO A 209 -0.17 2.78 -12.96
N LYS A 210 -0.25 1.78 -12.13
CA LYS A 210 0.64 1.57 -10.92
CA LYS A 210 0.63 1.59 -10.91
C LYS A 210 1.16 0.04 -10.89
N THR A 211 2.46 -0.11 -11.02
CA THR A 211 3.04 -1.42 -11.02
C THR A 211 3.38 -1.81 -9.60
N TRP A 212 3.06 -3.05 -9.24
CA TRP A 212 3.23 -3.64 -7.93
C TRP A 212 4.20 -4.81 -7.99
N TYR A 213 4.99 -4.93 -6.94
CA TYR A 213 5.82 -6.10 -6.64
C TYR A 213 5.39 -6.62 -5.28
N VAL A 214 5.42 -7.95 -5.12
CA VAL A 214 4.98 -8.58 -3.88
C VAL A 214 5.75 -9.83 -3.56
N VAL A 215 6.03 -10.07 -2.30
CA VAL A 215 6.65 -11.29 -1.82
C VAL A 215 5.59 -12.11 -1.10
N PRO A 216 5.45 -13.40 -1.40
CA PRO A 216 4.49 -14.23 -0.67
C PRO A 216 4.70 -14.12 0.84
N PRO A 217 3.61 -14.06 1.63
CA PRO A 217 3.77 -14.00 3.08
C PRO A 217 4.63 -15.12 3.64
N GLU A 218 4.55 -16.34 3.10
CA GLU A 218 5.34 -17.43 3.63
C GLU A 218 6.81 -17.22 3.44
N HIS A 219 7.22 -16.30 2.59
CA HIS A 219 8.61 -16.01 2.30
C HIS A 219 9.05 -14.62 2.72
N GLY A 220 8.26 -13.92 3.53
CA GLY A 220 8.61 -12.56 3.88
C GLY A 220 9.92 -12.47 4.61
N GLN A 221 10.28 -13.45 5.42
N GLN A 221 10.29 -13.44 5.43
CA GLN A 221 11.54 -13.42 6.14
CA GLN A 221 11.57 -13.40 6.15
C GLN A 221 12.71 -13.42 5.19
C GLN A 221 12.76 -13.50 5.22
N ARG A 222 12.60 -14.06 4.03
CA ARG A 222 13.70 -14.02 3.07
C ARG A 222 13.97 -12.61 2.58
N LEU A 223 12.91 -11.84 2.35
CA LEU A 223 13.09 -10.46 1.97
CA LEU A 223 13.05 -10.44 1.98
C LEU A 223 13.75 -9.67 3.12
N GLU A 224 13.29 -9.90 4.33
CA GLU A 224 13.89 -9.22 5.47
C GLU A 224 15.37 -9.49 5.60
N ARG A 225 15.76 -10.74 5.43
CA ARG A 225 17.18 -11.11 5.54
CA ARG A 225 17.18 -11.11 5.54
C ARG A 225 18.00 -10.40 4.48
N LEU A 226 17.51 -10.37 3.24
CA LEU A 226 18.21 -9.64 2.17
C LEU A 226 18.30 -8.16 2.51
N ALA A 227 17.22 -7.58 2.98
CA ALA A 227 17.21 -6.16 3.28
C ALA A 227 18.23 -5.87 4.36
N ARG A 228 18.38 -6.73 5.35
CA ARG A 228 19.40 -6.43 6.38
CA ARG A 228 19.42 -6.50 6.40
C ARG A 228 20.79 -6.47 5.79
N GLU A 229 21.04 -7.35 4.84
CA GLU A 229 22.33 -7.39 4.17
C GLU A 229 22.57 -6.16 3.30
N LEU A 230 21.54 -5.68 2.59
CA LEU A 230 21.67 -4.58 1.64
C LEU A 230 21.67 -3.20 2.29
N PHE A 231 21.10 -3.07 3.48
CA PHE A 231 21.00 -1.81 4.19
C PHE A 231 21.53 -2.01 5.60
N PRO A 232 22.85 -2.27 5.72
CA PRO A 232 23.32 -2.73 6.99
C PRO A 232 23.24 -1.70 8.12
N GLY A 233 23.55 -0.44 7.84
CA GLY A 233 23.42 0.57 8.89
C GLY A 233 21.98 0.74 9.33
N SER A 234 21.03 0.70 8.41
CA SER A 234 19.61 0.85 8.78
C SER A 234 19.23 -0.31 9.66
N SER A 235 19.67 -1.52 9.33
CA SER A 235 19.32 -2.67 10.13
C SER A 235 19.90 -2.58 11.52
N ARG A 236 21.12 -2.07 11.68
CA ARG A 236 21.65 -1.88 13.01
C ARG A 236 20.82 -0.90 13.84
N GLY A 237 20.29 0.10 13.18
CA GLY A 237 19.47 1.09 13.84
C GLY A 237 18.12 0.63 14.31
N CYS A 238 17.53 -0.35 13.64
CA CYS A 238 16.19 -0.78 13.98
C CYS A 238 15.96 -2.16 13.45
N GLY A 239 15.54 -3.07 14.31
CA GLY A 239 15.23 -4.44 13.99
C GLY A 239 14.01 -4.66 13.13
N ALA A 240 13.30 -3.57 12.80
CA ALA A 240 12.13 -3.57 11.90
C ALA A 240 12.17 -2.38 10.97
N PHE A 241 13.35 -2.12 10.41
CA PHE A 241 13.52 -0.90 9.64
C PHE A 241 12.71 -0.82 8.38
N LEU A 242 12.23 -1.95 7.83
CA LEU A 242 11.37 -1.85 6.65
C LEU A 242 10.11 -1.09 6.98
N ARG A 243 9.70 -1.06 8.24
CA ARG A 243 8.56 -0.31 8.81
CA ARG A 243 8.48 -0.30 8.48
C ARG A 243 8.72 1.20 8.46
N HIS A 244 9.93 1.67 8.24
CA HIS A 244 10.19 3.04 7.96
C HIS A 244 9.73 3.41 6.56
N LYS A 245 9.53 2.41 5.69
CA LYS A 245 9.01 2.66 4.36
CA LYS A 245 9.04 2.63 4.35
C LYS A 245 9.91 3.56 3.54
N VAL A 246 11.19 3.22 3.48
CA VAL A 246 12.18 3.94 2.71
C VAL A 246 13.05 3.12 1.78
N ALA A 247 12.99 1.79 1.82
CA ALA A 247 13.95 0.98 1.08
C ALA A 247 13.38 0.37 -0.16
N LEU A 248 14.15 0.43 -1.26
CA LEU A 248 13.81 -0.14 -2.54
C LEU A 248 14.87 -1.14 -2.95
N ILE A 249 14.40 -2.26 -3.52
CA ILE A 249 15.24 -3.34 -4.08
C ILE A 249 14.56 -3.73 -5.39
N SER A 250 15.30 -3.73 -6.50
CA SER A 250 14.73 -3.99 -7.82
C SER A 250 14.41 -5.43 -8.03
N PRO A 251 13.58 -5.75 -9.03
CA PRO A 251 13.34 -7.15 -9.37
C PRO A 251 14.60 -7.87 -9.77
N THR A 252 15.52 -7.18 -10.47
CA THR A 252 16.78 -7.84 -10.85
C THR A 252 17.56 -8.26 -9.63
N VAL A 253 17.66 -7.40 -8.65
CA VAL A 253 18.39 -7.75 -7.43
C VAL A 253 17.69 -8.85 -6.66
N LEU A 254 16.35 -8.82 -6.61
CA LEU A 254 15.62 -9.88 -5.93
C LEU A 254 15.91 -11.22 -6.64
N LYS A 255 15.84 -11.26 -7.96
CA LYS A 255 16.13 -12.50 -8.71
C LYS A 255 17.56 -12.97 -8.45
N GLU A 256 18.54 -12.06 -8.45
CA GLU A 256 19.93 -12.45 -8.21
C GLU A 256 20.09 -13.11 -6.86
N ASN A 257 19.26 -12.74 -5.89
CA ASN A 257 19.34 -13.26 -4.56
C ASN A 257 18.34 -14.33 -4.26
N GLY A 258 17.64 -14.81 -5.27
CA GLY A 258 16.74 -15.93 -5.08
C GLY A 258 15.52 -15.60 -4.30
N ILE A 259 15.06 -14.35 -4.22
CA ILE A 259 13.91 -14.02 -3.41
C ILE A 259 12.64 -14.27 -4.20
N PRO A 260 11.71 -15.07 -3.66
CA PRO A 260 10.51 -15.25 -4.49
CA PRO A 260 10.42 -15.31 -4.36
C PRO A 260 9.62 -14.01 -4.44
N PHE A 261 9.16 -13.61 -5.61
CA PHE A 261 8.30 -12.45 -5.73
C PHE A 261 7.52 -12.54 -7.01
N ASN A 262 6.55 -11.69 -7.15
CA ASN A 262 5.73 -11.55 -8.35
C ASN A 262 5.47 -10.05 -8.60
N ARG A 263 5.04 -9.76 -9.82
CA ARG A 263 4.71 -8.42 -10.23
C ARG A 263 3.42 -8.39 -11.05
N ILE A 264 2.75 -7.25 -11.02
CA ILE A 264 1.53 -7.03 -11.80
C ILE A 264 1.30 -5.55 -11.91
N THR A 265 0.66 -5.12 -12.99
CA THR A 265 0.27 -3.72 -13.18
C THR A 265 -1.21 -3.56 -12.96
N GLN A 266 -1.57 -2.59 -12.11
CA GLN A 266 -2.97 -2.18 -11.84
C GLN A 266 -3.32 -1.01 -12.73
N GLU A 267 -4.49 -1.07 -13.32
CA GLU A 267 -5.01 0.00 -14.16
C GLU A 267 -6.19 0.69 -13.51
N ALA A 268 -6.56 1.87 -14.00
CA ALA A 268 -7.67 2.60 -13.42
C ALA A 268 -8.91 1.73 -13.46
N GLY A 269 -9.66 1.77 -12.39
CA GLY A 269 -10.90 1.00 -12.22
C GLY A 269 -10.71 -0.34 -11.59
N GLU A 270 -9.51 -0.72 -11.16
CA GLU A 270 -9.21 -2.00 -10.59
C GLU A 270 -8.83 -1.84 -9.13
N PHE A 271 -9.19 -2.84 -8.33
CA PHE A 271 -8.77 -2.98 -6.95
C PHE A 271 -7.60 -3.92 -6.80
N MET A 272 -6.72 -3.63 -5.83
CA MET A 272 -5.70 -4.56 -5.38
C MET A 272 -5.86 -4.75 -3.92
N VAL A 273 -5.84 -5.98 -3.46
CA VAL A 273 -5.83 -6.33 -2.04
C VAL A 273 -4.48 -6.89 -1.68
N THR A 274 -3.85 -6.37 -0.63
CA THR A 274 -2.67 -6.99 -0.02
C THR A 274 -3.10 -7.75 1.20
N PHE A 275 -2.46 -8.89 1.44
CA PHE A 275 -2.81 -9.80 2.50
C PHE A 275 -1.84 -9.68 3.66
N PRO A 276 -2.20 -10.15 4.85
CA PRO A 276 -1.32 -9.99 6.02
C PRO A 276 0.08 -10.51 5.72
N TYR A 277 1.05 -9.67 6.07
CA TYR A 277 2.47 -10.00 5.95
C TYR A 277 2.92 -10.20 4.51
N GLY A 278 2.19 -9.63 3.56
CA GLY A 278 2.61 -9.59 2.16
C GLY A 278 3.39 -8.33 1.87
N TYR A 279 4.71 -8.44 1.80
CA TYR A 279 5.57 -7.28 1.49
C TYR A 279 5.22 -6.83 0.08
N HIS A 280 5.14 -5.53 -0.12
CA HIS A 280 4.86 -4.95 -1.44
C HIS A 280 5.60 -3.66 -1.61
N ALA A 281 5.80 -3.28 -2.87
CA ALA A 281 6.49 -2.05 -3.31
C ALA A 281 5.94 -1.73 -4.68
N GLY A 282 6.16 -0.57 -5.20
CA GLY A 282 5.73 -0.28 -6.55
C GLY A 282 5.95 1.14 -6.97
N PHE A 283 5.47 1.47 -8.17
CA PHE A 283 5.67 2.78 -8.74
C PHE A 283 4.53 3.13 -9.67
N ASN A 284 4.38 4.43 -9.89
CA ASN A 284 3.37 4.97 -10.80
C ASN A 284 3.93 5.28 -12.20
N HIS A 285 3.10 5.06 -13.19
CA HIS A 285 3.45 5.28 -14.58
C HIS A 285 3.33 6.71 -15.04
N GLY A 286 2.57 7.53 -14.32
CA GLY A 286 2.20 8.87 -14.66
C GLY A 286 1.20 9.36 -13.67
N PHE A 287 0.58 10.51 -13.92
CA PHE A 287 -0.40 11.07 -13.01
C PHE A 287 -1.49 10.08 -12.71
N ASN A 288 -1.77 9.88 -11.43
CA ASN A 288 -2.90 9.04 -11.03
C ASN A 288 -3.38 9.41 -9.64
N CYS A 289 -4.53 8.88 -9.29
CA CYS A 289 -5.18 9.05 -8.01
CA CYS A 289 -5.21 9.08 -8.03
C CYS A 289 -5.68 7.71 -7.53
N ALA A 290 -5.27 7.32 -6.31
CA ALA A 290 -5.66 6.07 -5.69
C ALA A 290 -6.23 6.33 -4.31
N GLU A 291 -7.00 5.38 -3.82
CA GLU A 291 -7.57 5.41 -2.46
C GLU A 291 -7.26 4.06 -1.82
N ALA A 292 -6.89 4.09 -0.55
CA ALA A 292 -6.56 2.86 0.13
C ALA A 292 -6.95 2.93 1.58
N ILE A 293 -7.15 1.76 2.17
CA ILE A 293 -7.46 1.62 3.59
C ILE A 293 -6.99 0.24 4.04
N ASN A 294 -6.54 0.23 5.25
CA ASN A 294 -6.35 -1.12 5.94
CA ASN A 294 -6.27 -1.22 5.93
C ASN A 294 -7.62 -1.79 6.52
N PHE A 295 -7.63 -3.06 6.50
CA PHE A 295 -8.74 -3.77 7.10
C PHE A 295 -8.28 -5.11 7.66
N ALA A 296 -9.17 -5.72 8.42
CA ALA A 296 -8.92 -6.99 9.09
C ALA A 296 -10.02 -7.99 8.80
N THR A 297 -9.69 -9.26 9.00
CA THR A 297 -10.60 -10.38 8.98
C THR A 297 -10.25 -11.26 10.17
N PRO A 298 -11.03 -12.30 10.45
CA PRO A 298 -10.65 -13.21 11.52
C PRO A 298 -9.23 -13.80 11.35
N ARG A 299 -8.86 -14.11 10.13
CA ARG A 299 -7.57 -14.73 9.85
CA ARG A 299 -7.56 -14.68 9.79
C ARG A 299 -6.41 -13.77 10.16
N TRP A 300 -6.66 -12.45 10.17
CA TRP A 300 -5.61 -11.50 10.48
C TRP A 300 -5.16 -11.61 11.89
N ILE A 301 -6.01 -11.95 12.89
CA ILE A 301 -5.68 -11.82 14.30
CA ILE A 301 -5.63 -11.77 14.27
C ILE A 301 -4.32 -12.44 14.64
N ASP A 302 -4.08 -13.66 14.15
CA ASP A 302 -2.80 -14.39 14.33
CA ASP A 302 -2.83 -14.28 14.50
C ASP A 302 -1.62 -13.55 13.88
N TYR A 303 -1.77 -12.95 12.73
CA TYR A 303 -0.70 -12.08 12.17
C TYR A 303 -0.47 -10.85 13.04
N GLY A 304 -1.56 -10.23 13.49
CA GLY A 304 -1.43 -9.04 14.34
C GLY A 304 -0.72 -9.36 15.63
N LYS A 305 -0.91 -10.52 16.21
CA LYS A 305 -0.24 -10.79 17.46
CA LYS A 305 -0.21 -10.99 17.43
C LYS A 305 1.25 -11.14 17.25
N MET A 306 1.65 -11.49 16.04
CA MET A 306 3.06 -11.80 15.72
C MET A 306 3.85 -10.70 15.00
N ALA A 307 3.17 -9.62 14.63
CA ALA A 307 3.77 -8.57 13.83
C ALA A 307 4.94 -7.93 14.53
N SER A 308 5.98 -7.70 13.77
CA SER A 308 7.14 -7.03 14.30
C SER A 308 6.77 -5.59 14.54
N GLN A 309 7.55 -4.94 15.36
CA GLN A 309 7.32 -3.55 15.54
C GLN A 309 8.60 -2.69 15.51
N CYS A 310 8.46 -1.49 15.00
CA CYS A 310 9.49 -0.47 15.09
C CYS A 310 9.28 0.29 16.41
N SER A 311 10.32 0.33 17.20
CA SER A 311 10.32 1.10 18.44
CA SER A 311 10.32 1.14 18.42
C SER A 311 11.47 2.14 18.47
N CYS A 312 12.14 2.39 17.32
CA CYS A 312 13.33 3.27 17.27
C CYS A 312 12.94 4.72 17.17
N GLY A 313 11.68 4.96 16.96
CA GLY A 313 11.13 6.26 16.76
C GLY A 313 10.84 6.68 15.35
N GLU A 314 11.43 6.03 14.37
CA GLU A 314 11.21 6.47 13.03
C GLU A 314 9.78 6.22 12.49
N ALA A 315 9.21 5.05 12.75
CA ALA A 315 7.88 4.68 12.26
C ALA A 315 6.69 5.14 13.14
N ARG A 316 6.48 6.43 13.18
CA ARG A 316 5.35 6.99 13.90
C ARG A 316 4.13 6.68 13.09
N VAL A 317 3.09 6.31 13.82
CA VAL A 317 1.81 5.96 13.24
C VAL A 317 0.62 6.45 14.02
N THR A 318 -0.53 6.19 13.41
CA THR A 318 -1.85 6.61 13.87
C THR A 318 -2.05 6.20 15.33
N PHE A 319 -2.75 7.00 16.11
CA PHE A 319 -3.03 6.62 17.48
CA PHE A 319 -3.04 6.63 17.47
C PHE A 319 -3.94 5.37 17.50
N SER A 320 -4.59 5.01 16.38
CA SER A 320 -5.38 3.80 16.31
CA SER A 320 -5.39 3.76 16.31
C SER A 320 -4.53 2.52 16.56
N MET A 321 -3.31 2.69 16.16
CA MET A 321 -2.47 1.54 16.37
CA MET A 321 -2.41 1.57 16.40
C MET A 321 -2.17 1.06 17.92
N ASP A 322 -2.27 2.10 18.75
CA ASP A 322 -1.99 1.93 20.16
C ASP A 322 -2.80 0.79 20.72
N ALA A 323 -4.08 0.74 20.47
CA ALA A 323 -4.92 -0.29 21.02
C ALA A 323 -4.57 -1.63 20.47
N PHE A 324 -4.20 -1.64 19.20
CA PHE A 324 -3.85 -2.91 18.64
CA PHE A 324 -3.81 -2.90 18.66
C PHE A 324 -2.56 -3.65 19.31
N VAL A 325 -1.60 -2.79 19.54
CA VAL A 325 -0.39 -3.24 20.25
C VAL A 325 -0.73 -3.58 21.72
N ARG A 326 -1.53 -2.72 22.34
CA ARG A 326 -1.88 -2.87 23.75
C ARG A 326 -2.59 -4.18 24.01
N ILE A 327 -3.53 -4.51 23.17
CA ILE A 327 -4.29 -5.73 23.35
C ILE A 327 -3.60 -6.99 22.80
N LEU A 328 -3.09 -6.91 21.57
CA LEU A 328 -2.48 -8.06 20.95
C LEU A 328 -1.05 -8.38 21.41
N GLN A 329 -0.30 -7.36 21.76
N GLN A 329 -0.30 -7.36 21.76
CA GLN A 329 1.10 -7.50 22.11
CA GLN A 329 1.10 -7.50 22.11
C GLN A 329 1.44 -6.77 23.40
C GLN A 329 1.44 -6.77 23.40
N PRO A 330 0.79 -7.16 24.51
CA PRO A 330 1.04 -6.44 25.77
C PRO A 330 2.47 -6.44 26.19
N GLU A 331 3.15 -7.54 25.98
CA GLU A 331 4.61 -7.48 26.40
CA GLU A 331 4.65 -7.54 26.38
C GLU A 331 5.53 -6.40 25.67
N ARG A 332 5.14 -6.14 24.43
CA ARG A 332 5.86 -5.20 23.60
C ARG A 332 5.36 -3.78 23.75
N TYR A 333 4.22 -3.59 24.40
CA TYR A 333 3.60 -2.28 24.43
C TYR A 333 4.39 -1.15 25.05
N ASP A 334 4.91 -1.45 26.22
CA ASP A 334 5.70 -0.27 26.82
CA ASP A 334 5.76 -0.31 26.86
C ASP A 334 6.95 0.26 25.91
N LEU A 335 7.66 -0.67 25.33
CA LEU A 335 8.73 -0.32 24.39
C LEU A 335 8.24 0.37 23.14
N TRP A 336 7.16 -0.13 22.55
CA TRP A 336 6.64 0.47 21.35
C TRP A 336 6.17 1.89 21.68
N LYS A 337 5.52 2.05 22.82
CA LYS A 337 4.98 3.34 23.20
C LYS A 337 6.06 4.38 23.37
N ARG A 338 7.18 3.99 23.92
CA ARG A 338 8.30 4.91 24.06
C ARG A 338 8.71 5.37 22.68
N GLY A 339 8.65 4.50 21.70
CA GLY A 339 8.99 4.84 20.35
C GLY A 339 8.05 5.85 19.74
N GLN A 340 6.83 5.88 20.21
CA GLN A 340 5.85 6.80 19.68
C GLN A 340 6.03 8.13 20.46
#